data_4YU4
#
_entry.id   4YU4
#
_cell.length_a   55.920
_cell.length_b   88.210
_cell.length_c   129.160
_cell.angle_alpha   90.00
_cell.angle_beta   90.00
_cell.angle_gamma   90.00
#
_symmetry.space_group_name_H-M   'P 21 21 21'
#
loop_
_entity.id
_entity.type
_entity.pdbx_description
1 polymer hemoglobin
2 polymer hemoglobin
3 non-polymer 'PROTOPORPHYRIN IX CONTAINING FE'
4 non-polymer 'OXYGEN MOLECULE'
5 water water
#
loop_
_entity_poly.entity_id
_entity_poly.type
_entity_poly.pdbx_seq_one_letter_code
_entity_poly.pdbx_strand_id
1 'polypeptide(L)'
;VLSPADKTNIKASWEKIGSHGGEYGAEALERTFLCFPTTKTYFPHFDLSHGSAQVKAHGKKVADALTNAVGHLDDLPGAL
SALSDLHAYKLRVDPVNFKLLSHCLLVTLASHHPAEFTPAVHASLDKFLSSVSTVLTSKYR
;
A,C
2 'polypeptide(L)'
;VHLTAEEKAHVSGLWGKVNTEEVGGEALGRLLVVYPWTQRFFETFGDLSSANAIMNNPKVKAHGKKVLSSFSDGLKNLDN
LKGTFAALSELHCDKLHVDPENFKLLGNVLVCVLAHHFGKEFTPQVQAAYQKIVAGVANALAHKYH
;
B,D
#
loop_
_chem_comp.id
_chem_comp.type
_chem_comp.name
_chem_comp.formula
HEM non-polymer 'PROTOPORPHYRIN IX CONTAINING FE' 'C34 H32 Fe N4 O4'
OXY non-polymer 'OXYGEN MOLECULE' O2
#
# COMPACT_ATOMS: atom_id res chain seq x y z
N VAL A 1 13.27 -1.01 7.52
CA VAL A 1 14.44 -1.32 8.38
C VAL A 1 14.54 -0.31 9.52
N LEU A 2 14.49 -0.83 10.74
CA LEU A 2 14.62 0.00 11.93
C LEU A 2 16.04 0.47 12.15
N SER A 3 16.19 1.79 12.30
CA SER A 3 17.45 2.41 12.67
C SER A 3 17.64 2.30 14.17
N PRO A 4 18.86 2.58 14.67
CA PRO A 4 19.09 2.50 16.12
C PRO A 4 18.33 3.53 16.88
N ALA A 5 18.31 4.75 16.37
CA ALA A 5 17.52 5.78 16.99
C ALA A 5 16.07 5.30 17.02
N ASP A 6 15.63 4.63 15.95
CA ASP A 6 14.29 4.08 15.87
C ASP A 6 14.02 3.17 17.08
N LYS A 7 15.00 2.32 17.38
CA LYS A 7 14.92 1.36 18.50
C LYS A 7 14.98 2.09 19.82
N THR A 8 15.91 3.02 19.99
CA THR A 8 15.95 3.65 21.27
C THR A 8 14.69 4.47 21.47
N ASN A 9 14.13 5.01 20.39
CA ASN A 9 12.78 5.63 20.41
C ASN A 9 11.65 4.66 20.75
N ILE A 10 11.64 3.48 20.11
CA ILE A 10 10.56 2.50 20.30
C ILE A 10 10.60 2.00 21.74
N LYS A 11 11.79 1.59 22.20
CA LYS A 11 11.91 1.18 23.60
C LYS A 11 11.53 2.31 24.58
N ALA A 12 12.05 3.53 24.38
CA ALA A 12 11.67 4.66 25.24
C ALA A 12 10.17 4.86 25.44
N SER A 13 9.45 4.89 24.33
CA SER A 13 8.03 5.17 24.39
C SER A 13 7.26 3.99 24.98
N TRP A 14 7.73 2.77 24.76
CA TRP A 14 7.03 1.65 25.32
C TRP A 14 7.23 1.60 26.84
N GLU A 15 8.36 2.12 27.33
CA GLU A 15 8.55 2.34 28.77
C GLU A 15 7.41 3.12 29.35
N LYS A 16 7.04 4.21 28.70
CA LYS A 16 6.00 5.00 29.26
C LYS A 16 4.64 4.28 29.15
N ILE A 17 4.31 3.71 28.01
CA ILE A 17 3.06 2.98 27.85
C ILE A 17 2.96 1.89 28.89
N GLY A 18 3.88 0.93 28.83
CA GLY A 18 4.27 0.13 30.00
C GLY A 18 3.16 -0.65 30.66
N SER A 19 2.82 -0.30 31.89
CA SER A 19 1.73 -1.05 32.56
C SER A 19 0.31 -0.72 32.03
N HIS A 20 0.22 0.29 31.17
CA HIS A 20 -1.08 0.65 30.59
C HIS A 20 -1.44 -0.02 29.27
N GLY A 21 -0.47 -0.69 28.65
CA GLY A 21 -0.65 -1.37 27.36
C GLY A 21 -1.94 -2.14 27.22
N GLY A 22 -2.27 -2.92 28.24
CA GLY A 22 -3.49 -3.69 28.25
C GLY A 22 -4.71 -2.92 27.77
N GLU A 23 -4.89 -1.71 28.28
CA GLU A 23 -6.07 -0.97 27.89
C GLU A 23 -5.87 -0.20 26.61
N TYR A 24 -4.63 0.14 26.29
CA TYR A 24 -4.40 0.79 24.99
C TYR A 24 -4.73 -0.17 23.84
N GLY A 25 -4.22 -1.42 23.92
CA GLY A 25 -4.70 -2.53 23.08
C GLY A 25 -6.22 -2.60 23.00
N ALA A 26 -6.95 -2.58 24.10
CA ALA A 26 -8.41 -2.67 23.93
C ALA A 26 -8.95 -1.42 23.29
N GLU A 27 -8.46 -0.24 23.68
CA GLU A 27 -8.99 0.96 23.05
C GLU A 27 -8.72 0.92 21.54
N ALA A 28 -7.48 0.55 21.18
CA ALA A 28 -7.10 0.45 19.79
C ALA A 28 -8.02 -0.49 19.05
N LEU A 29 -8.23 -1.69 19.57
CA LEU A 29 -9.16 -2.65 18.94
C LEU A 29 -10.53 -2.05 18.74
N GLU A 30 -11.05 -1.45 19.81
CA GLU A 30 -12.38 -0.83 19.79
C GLU A 30 -12.40 0.25 18.72
N ARG A 31 -11.39 1.11 18.74
CA ARG A 31 -11.27 2.11 17.70
C ARG A 31 -11.37 1.55 16.27
N THR A 32 -10.71 0.43 16.02
CA THR A 32 -10.68 -0.08 14.68
C THR A 32 -12.02 -0.69 14.28
N PHE A 33 -12.60 -1.56 15.12
CA PHE A 33 -13.92 -2.18 14.85
C PHE A 33 -14.95 -1.13 14.47
N LEU A 34 -14.87 -0.06 15.21
CA LEU A 34 -15.77 1.03 15.09
C LEU A 34 -15.55 1.94 13.88
N CYS A 35 -14.31 2.09 13.43
CA CYS A 35 -13.99 3.05 12.36
C CYS A 35 -13.85 2.35 11.04
N PHE A 36 -13.52 1.07 11.10
CA PHE A 36 -13.46 0.23 9.93
C PHE A 36 -14.23 -1.05 10.28
N PRO A 37 -15.59 -1.00 10.17
CA PRO A 37 -16.43 -2.14 10.49
C PRO A 37 -16.01 -3.45 9.86
N THR A 38 -15.53 -3.46 8.62
CA THR A 38 -15.21 -4.75 8.01
C THR A 38 -14.32 -5.61 8.90
N THR A 39 -13.46 -4.96 9.70
CA THR A 39 -12.53 -5.68 10.58
C THR A 39 -13.25 -6.65 11.55
N LYS A 40 -14.52 -6.41 11.85
CA LYS A 40 -15.25 -7.26 12.78
C LYS A 40 -15.62 -8.63 12.20
N THR A 41 -15.45 -8.78 10.88
CA THR A 41 -15.78 -10.06 10.24
C THR A 41 -14.72 -11.07 10.61
N TYR A 42 -13.70 -10.62 11.33
CA TYR A 42 -12.63 -11.51 11.73
C TYR A 42 -12.89 -12.12 13.14
N PHE A 43 -13.90 -11.60 13.83
CA PHE A 43 -14.20 -12.02 15.21
C PHE A 43 -15.67 -12.35 15.28
N PRO A 44 -16.14 -13.26 14.39
CA PRO A 44 -17.57 -13.55 14.40
C PRO A 44 -18.00 -14.09 15.77
N HIS A 45 -17.06 -14.72 16.46
CA HIS A 45 -17.28 -15.44 17.69
C HIS A 45 -16.99 -14.59 18.96
N PHE A 46 -17.21 -13.28 18.88
CA PHE A 46 -16.85 -12.36 19.96
C PHE A 46 -17.96 -11.42 20.26
N ASP A 47 -18.03 -11.02 21.54
CA ASP A 47 -18.85 -9.92 21.98
C ASP A 47 -18.13 -8.66 21.55
N LEU A 48 -18.76 -7.91 20.66
CA LEU A 48 -18.19 -6.64 20.21
C LEU A 48 -18.94 -5.43 20.75
N SER A 49 -19.59 -5.61 21.90
CA SER A 49 -20.16 -4.51 22.70
C SER A 49 -19.07 -3.52 23.08
N HIS A 50 -19.50 -2.29 23.45
CA HIS A 50 -18.55 -1.25 23.86
C HIS A 50 -17.77 -1.64 25.14
N GLY A 51 -18.44 -2.19 26.13
CA GLY A 51 -17.69 -2.58 27.33
C GLY A 51 -16.99 -3.93 27.25
N SER A 52 -17.09 -4.58 26.10
CA SER A 52 -16.79 -5.99 26.03
C SER A 52 -15.60 -6.40 26.86
N ALA A 53 -15.84 -7.40 27.70
CA ALA A 53 -14.77 -8.09 28.46
C ALA A 53 -13.78 -8.96 27.61
N GLN A 54 -14.21 -9.51 26.46
CA GLN A 54 -13.30 -10.30 25.61
C GLN A 54 -12.34 -9.38 24.88
N VAL A 55 -12.90 -8.33 24.26
CA VAL A 55 -12.13 -7.24 23.69
C VAL A 55 -11.07 -6.76 24.68
N LYS A 56 -11.45 -6.47 25.93
CA LYS A 56 -10.42 -6.15 26.95
C LYS A 56 -9.38 -7.24 27.10
N ALA A 57 -9.83 -8.48 27.19
CA ALA A 57 -8.92 -9.58 27.38
C ALA A 57 -7.98 -9.68 26.18
N HIS A 58 -8.54 -9.55 24.97
CA HIS A 58 -7.78 -9.64 23.74
C HIS A 58 -6.84 -8.48 23.56
N GLY A 59 -7.23 -7.29 23.97
CA GLY A 59 -6.31 -6.14 23.97
C GLY A 59 -5.06 -6.40 24.76
N LYS A 60 -5.23 -7.02 25.93
CA LYS A 60 -4.16 -7.44 26.80
C LYS A 60 -3.27 -8.44 26.06
N LYS A 61 -3.89 -9.40 25.36
CA LYS A 61 -3.06 -10.37 24.61
C LYS A 61 -2.31 -9.72 23.45
N VAL A 62 -2.96 -8.81 22.71
CA VAL A 62 -2.29 -8.00 21.72
C VAL A 62 -1.13 -7.18 22.31
N ALA A 63 -1.38 -6.47 23.42
CA ALA A 63 -0.35 -5.59 24.00
C ALA A 63 0.88 -6.34 24.56
N ASP A 64 0.67 -7.57 24.99
CA ASP A 64 1.74 -8.42 25.48
C ASP A 64 2.66 -8.77 24.36
N ALA A 65 2.09 -9.15 23.21
CA ALA A 65 2.86 -9.52 22.03
C ALA A 65 3.66 -8.31 21.51
N LEU A 66 3.05 -7.14 21.62
CA LEU A 66 3.75 -5.91 21.36
C LEU A 66 4.89 -5.70 22.33
N THR A 67 4.71 -6.06 23.60
CA THR A 67 5.81 -5.96 24.57
C THR A 67 6.92 -6.91 24.18
N ASN A 68 6.56 -8.17 24.05
CA ASN A 68 7.40 -9.18 23.44
C ASN A 68 8.21 -8.57 22.27
N ALA A 69 7.55 -8.02 21.27
CA ALA A 69 8.31 -7.52 20.11
C ALA A 69 9.34 -6.41 20.41
N VAL A 70 9.03 -5.50 21.33
CA VAL A 70 9.98 -4.45 21.69
C VAL A 70 11.25 -5.05 22.25
N GLY A 71 11.14 -6.15 22.98
CA GLY A 71 12.31 -6.90 23.44
C GLY A 71 13.15 -7.58 22.37
N HIS A 72 12.62 -7.75 21.15
CA HIS A 72 13.27 -8.55 20.10
C HIS A 72 13.45 -7.86 18.75
N LEU A 73 13.68 -6.55 18.77
CA LEU A 73 13.80 -5.72 17.56
C LEU A 73 14.87 -6.14 16.56
N ASP A 74 15.92 -6.83 17.02
CA ASP A 74 16.98 -7.28 16.11
C ASP A 74 16.63 -8.61 15.45
N ASP A 75 15.70 -9.37 16.04
CA ASP A 75 15.24 -10.59 15.41
C ASP A 75 13.73 -10.80 15.52
N LEU A 76 12.95 -9.93 14.89
CA LEU A 76 11.50 -10.05 14.96
C LEU A 76 10.98 -11.35 14.34
N PRO A 77 11.54 -11.78 13.19
CA PRO A 77 11.04 -13.03 12.65
C PRO A 77 11.14 -14.18 13.67
N GLY A 78 12.20 -14.16 14.46
CA GLY A 78 12.43 -15.25 15.37
C GLY A 78 11.35 -15.25 16.41
N ALA A 79 11.17 -14.07 17.01
CA ALA A 79 10.31 -13.86 18.16
C ALA A 79 8.80 -14.01 17.88
N LEU A 80 8.37 -13.60 16.70
CA LEU A 80 6.95 -13.67 16.40
C LEU A 80 6.55 -14.84 15.46
N SER A 81 7.44 -15.80 15.19
CA SER A 81 7.03 -16.94 14.35
C SER A 81 5.64 -17.56 14.69
N ALA A 82 5.33 -17.85 15.96
CA ALA A 82 4.01 -18.38 16.32
C ALA A 82 2.83 -17.46 15.97
N LEU A 83 2.99 -16.17 16.19
CA LEU A 83 1.98 -15.19 15.83
C LEU A 83 1.84 -15.09 14.33
N SER A 84 2.94 -15.36 13.64
CA SER A 84 2.95 -15.36 12.19
C SER A 84 2.23 -16.58 11.58
N ASP A 85 2.56 -17.78 12.04
CA ASP A 85 1.79 -18.98 11.71
C ASP A 85 0.24 -18.78 11.87
N LEU A 86 -0.16 -18.20 13.02
CA LEU A 86 -1.55 -17.85 13.32
C LEU A 86 -2.15 -16.86 12.30
N HIS A 87 -1.54 -15.69 12.14
CA HIS A 87 -2.14 -14.66 11.30
C HIS A 87 -2.00 -14.89 9.79
N ALA A 88 -0.88 -15.51 9.37
CA ALA A 88 -0.62 -15.73 7.96
C ALA A 88 -1.12 -17.06 7.42
N TYR A 89 -0.80 -18.16 8.09
CA TYR A 89 -1.30 -19.48 7.71
C TYR A 89 -2.74 -19.70 8.14
N LYS A 90 -3.04 -19.52 9.42
CA LYS A 90 -4.34 -19.96 9.88
C LYS A 90 -5.49 -19.00 9.65
N LEU A 91 -5.33 -17.74 10.01
CA LEU A 91 -6.44 -16.82 9.94
C LEU A 91 -6.47 -16.14 8.61
N ARG A 92 -5.30 -15.89 8.03
CA ARG A 92 -5.19 -15.34 6.70
C ARG A 92 -5.69 -13.91 6.67
N VAL A 93 -5.22 -13.10 7.60
CA VAL A 93 -5.66 -11.70 7.64
C VAL A 93 -5.14 -10.92 6.42
N ASP A 94 -6.04 -10.29 5.67
CA ASP A 94 -5.63 -9.25 4.67
C ASP A 94 -4.74 -8.18 5.31
N PRO A 95 -3.55 -7.91 4.72
CA PRO A 95 -2.59 -6.95 5.30
C PRO A 95 -3.13 -5.56 5.48
N VAL A 96 -4.18 -5.17 4.74
CA VAL A 96 -4.70 -3.81 4.91
C VAL A 96 -5.23 -3.63 6.29
N ASN A 97 -5.70 -4.74 6.88
CA ASN A 97 -6.26 -4.76 8.25
C ASN A 97 -5.24 -4.36 9.29
N PHE A 98 -3.96 -4.67 9.04
CA PHE A 98 -2.84 -4.31 9.92
C PHE A 98 -2.61 -2.82 9.87
N LYS A 99 -2.82 -2.22 8.71
CA LYS A 99 -2.63 -0.82 8.54
C LYS A 99 -3.65 -0.08 9.36
N LEU A 100 -4.86 -0.60 9.33
CA LEU A 100 -5.93 -0.02 10.10
C LEU A 100 -5.69 -0.10 11.62
N LEU A 101 -5.35 -1.28 12.14
CA LEU A 101 -5.11 -1.44 13.57
C LEU A 101 -3.89 -0.62 14.02
N SER A 102 -2.80 -0.65 13.23
CA SER A 102 -1.59 0.16 13.48
C SER A 102 -1.85 1.66 13.55
N HIS A 103 -2.71 2.15 12.66
CA HIS A 103 -3.16 3.52 12.73
C HIS A 103 -3.98 3.79 14.00
N CYS A 104 -4.78 2.82 14.44
CA CYS A 104 -5.65 3.06 15.55
C CYS A 104 -4.86 2.99 16.82
N LEU A 105 -3.73 2.27 16.77
CA LEU A 105 -2.86 2.18 17.92
C LEU A 105 -2.16 3.52 18.14
N LEU A 106 -1.62 4.08 17.06
CA LEU A 106 -0.96 5.37 17.09
C LEU A 106 -1.92 6.43 17.63
N VAL A 107 -3.12 6.44 17.08
CA VAL A 107 -4.12 7.36 17.57
C VAL A 107 -4.34 7.15 19.08
N THR A 108 -4.35 5.90 19.56
CA THR A 108 -4.58 5.65 20.99
C THR A 108 -3.46 6.29 21.82
N LEU A 109 -2.22 6.02 21.42
CA LEU A 109 -1.05 6.54 22.12
C LEU A 109 -1.04 8.07 22.17
N ALA A 110 -1.26 8.69 21.01
CA ALA A 110 -1.44 10.14 20.90
C ALA A 110 -2.44 10.72 21.88
N SER A 111 -3.51 9.98 22.13
CA SER A 111 -4.59 10.41 22.96
C SER A 111 -4.17 10.41 24.44
N HIS A 112 -3.63 9.29 24.90
CA HIS A 112 -3.26 9.16 26.29
C HIS A 112 -1.90 9.79 26.65
N HIS A 113 -1.03 10.02 25.67
CA HIS A 113 0.36 10.40 25.98
C HIS A 113 0.96 11.49 25.10
N PRO A 114 0.28 12.63 25.01
CA PRO A 114 0.65 13.62 24.01
C PRO A 114 2.10 14.08 24.11
N ALA A 115 2.60 14.19 25.35
CA ALA A 115 3.94 14.74 25.61
C ALA A 115 5.01 13.78 25.19
N GLU A 116 4.67 12.50 25.19
CA GLU A 116 5.64 11.52 24.74
C GLU A 116 5.56 11.21 23.27
N PHE A 117 4.50 11.68 22.62
CA PHE A 117 4.19 11.32 21.24
C PHE A 117 4.70 12.40 20.32
N THR A 118 5.99 12.70 20.47
CA THR A 118 6.68 13.69 19.61
C THR A 118 6.66 13.24 18.15
N PRO A 119 6.91 14.16 17.21
CA PRO A 119 7.04 13.71 15.80
C PRO A 119 7.99 12.49 15.59
N ALA A 120 9.15 12.51 16.22
CA ALA A 120 10.13 11.44 16.09
C ALA A 120 9.62 10.13 16.67
N VAL A 121 8.91 10.19 17.79
CA VAL A 121 8.40 8.96 18.35
C VAL A 121 7.32 8.42 17.43
N HIS A 122 6.41 9.31 17.06
CA HIS A 122 5.43 9.00 16.03
C HIS A 122 6.14 8.23 14.93
N ALA A 123 7.17 8.82 14.32
CA ALA A 123 7.92 8.21 13.19
C ALA A 123 8.47 6.81 13.47
N SER A 124 9.19 6.62 14.58
CA SER A 124 9.73 5.28 14.90
C SER A 124 8.65 4.23 15.13
N LEU A 125 7.60 4.64 15.85
CA LEU A 125 6.47 3.78 16.15
C LEU A 125 5.75 3.32 14.89
N ASP A 126 5.58 4.21 13.93
CA ASP A 126 4.98 3.81 12.69
C ASP A 126 5.84 2.74 11.94
N LYS A 127 7.17 2.95 11.84
CA LYS A 127 8.06 1.93 11.28
C LYS A 127 7.96 0.63 12.02
N PHE A 128 7.83 0.73 13.35
CA PHE A 128 7.81 -0.42 14.23
C PHE A 128 6.57 -1.27 13.89
N LEU A 129 5.38 -0.67 14.08
CA LEU A 129 4.11 -1.31 13.78
C LEU A 129 3.98 -1.86 12.38
N SER A 130 4.77 -1.33 11.45
CA SER A 130 4.71 -1.86 10.11
C SER A 130 5.72 -2.99 9.86
N SER A 131 6.87 -2.94 10.53
CA SER A 131 7.75 -4.14 10.56
C SER A 131 7.00 -5.30 11.15
N VAL A 132 6.48 -5.12 12.36
CA VAL A 132 5.62 -6.13 13.01
C VAL A 132 4.57 -6.68 12.04
N SER A 133 3.89 -5.82 11.29
CA SER A 133 2.91 -6.27 10.32
C SER A 133 3.50 -7.13 9.18
N THR A 134 4.69 -6.78 8.72
CA THR A 134 5.26 -7.59 7.68
C THR A 134 5.51 -9.02 8.18
N VAL A 135 6.05 -9.15 9.40
CA VAL A 135 6.31 -10.45 9.98
C VAL A 135 5.01 -11.25 10.14
N LEU A 136 3.98 -10.62 10.67
CA LEU A 136 2.73 -11.32 10.97
C LEU A 136 1.99 -11.74 9.70
N THR A 137 2.26 -11.09 8.58
CA THR A 137 1.58 -11.49 7.38
C THR A 137 2.48 -12.24 6.38
N SER A 138 3.69 -12.59 6.80
CA SER A 138 4.57 -13.37 5.96
C SER A 138 4.46 -14.85 6.26
N LYS A 139 4.62 -15.71 5.25
CA LYS A 139 4.74 -17.15 5.49
C LYS A 139 6.23 -17.51 5.35
N TYR A 140 6.88 -17.86 6.46
CA TYR A 140 8.29 -18.19 6.41
C TYR A 140 8.71 -19.45 7.18
N ARG A 141 7.73 -20.27 7.57
CA ARG A 141 8.00 -21.57 8.21
C ARG A 141 8.09 -22.66 7.13
N VAL B 1 -18.15 12.31 0.64
CA VAL B 1 -18.95 11.60 1.69
C VAL B 1 -20.25 12.33 2.05
N HIS B 2 -21.37 11.61 1.92
CA HIS B 2 -22.58 11.93 2.68
C HIS B 2 -22.34 11.37 4.09
N LEU B 3 -22.34 12.28 5.05
CA LEU B 3 -22.24 11.93 6.45
C LEU B 3 -23.64 11.93 7.01
N THR B 4 -23.93 11.03 7.96
CA THR B 4 -25.19 11.12 8.72
C THR B 4 -25.16 12.39 9.55
N ALA B 5 -26.32 12.94 9.86
CA ALA B 5 -26.42 14.13 10.71
C ALA B 5 -25.73 14.01 12.07
N GLU B 6 -25.67 12.79 12.62
CA GLU B 6 -24.93 12.54 13.87
C GLU B 6 -23.42 12.76 13.64
N GLU B 7 -22.91 12.18 12.55
CA GLU B 7 -21.52 12.28 12.17
C GLU B 7 -21.18 13.71 11.84
N LYS B 8 -22.04 14.37 11.09
CA LYS B 8 -21.82 15.76 10.73
C LYS B 8 -21.69 16.63 11.99
N ALA B 9 -22.39 16.25 13.05
CA ALA B 9 -22.39 17.03 14.27
C ALA B 9 -21.11 16.76 15.03
N HIS B 10 -20.78 15.48 15.25
CA HIS B 10 -19.49 15.09 15.83
C HIS B 10 -18.36 15.91 15.14
N VAL B 11 -18.31 15.90 13.79
CA VAL B 11 -17.19 16.56 13.04
C VAL B 11 -17.18 18.05 13.26
N SER B 12 -18.24 18.72 12.80
CA SER B 12 -18.37 20.20 12.89
C SER B 12 -18.27 20.69 14.36
N GLY B 13 -18.56 19.82 15.32
CA GLY B 13 -18.58 20.23 16.69
C GLY B 13 -17.16 20.40 17.15
N LEU B 14 -16.29 19.54 16.63
CA LEU B 14 -14.91 19.50 17.07
C LEU B 14 -14.11 20.47 16.24
N TRP B 15 -14.48 20.62 14.97
CA TRP B 15 -13.76 21.55 14.12
C TRP B 15 -13.75 22.93 14.70
N GLY B 16 -14.89 23.33 15.26
CA GLY B 16 -15.06 24.63 15.85
C GLY B 16 -14.03 25.05 16.87
N LYS B 17 -13.24 24.10 17.36
CA LYS B 17 -12.33 24.36 18.46
C LYS B 17 -10.88 24.14 18.11
N VAL B 18 -10.60 23.96 16.82
CA VAL B 18 -9.29 23.59 16.30
C VAL B 18 -8.52 24.89 16.07
N ASN B 19 -7.36 25.05 16.70
CA ASN B 19 -6.50 26.16 16.34
C ASN B 19 -5.89 25.90 14.97
N THR B 20 -6.54 26.48 13.98
CA THR B 20 -6.27 26.25 12.57
C THR B 20 -4.89 26.69 12.15
N GLU B 21 -4.20 27.45 13.00
CA GLU B 21 -2.81 27.80 12.78
C GLU B 21 -1.85 26.71 13.27
N GLU B 22 -1.99 26.33 14.54
CA GLU B 22 -1.19 25.28 15.17
C GLU B 22 -1.25 23.99 14.38
N VAL B 23 -2.48 23.55 14.15
CA VAL B 23 -2.80 22.20 13.70
C VAL B 23 -2.42 21.99 12.24
N GLY B 24 -2.74 22.94 11.39
CA GLY B 24 -2.29 22.83 10.02
C GLY B 24 -0.79 22.61 9.98
N GLY B 25 -0.06 23.32 10.85
CA GLY B 25 1.38 23.25 10.88
C GLY B 25 1.90 21.92 11.38
N GLU B 26 1.32 21.40 12.45
CA GLU B 26 1.77 20.15 13.05
C GLU B 26 1.51 18.96 12.15
N ALA B 27 0.38 18.99 11.44
CA ALA B 27 0.04 17.86 10.61
C ALA B 27 1.02 17.81 9.44
N LEU B 28 1.32 18.95 8.83
CA LEU B 28 2.29 18.96 7.73
C LEU B 28 3.68 18.54 8.18
N GLY B 29 4.19 19.12 9.25
CA GLY B 29 5.51 18.70 9.73
C GLY B 29 5.61 17.20 9.94
N ARG B 30 4.70 16.68 10.76
CA ARG B 30 4.59 15.25 10.99
C ARG B 30 4.54 14.46 9.70
N LEU B 31 3.81 14.95 8.69
CA LEU B 31 3.86 14.28 7.40
C LEU B 31 5.30 14.16 6.87
N LEU B 32 6.05 15.26 6.87
CA LEU B 32 7.45 15.24 6.39
C LEU B 32 8.40 14.46 7.30
N VAL B 33 8.09 14.37 8.59
CA VAL B 33 8.94 13.62 9.50
C VAL B 33 8.70 12.12 9.42
N VAL B 34 7.43 11.70 9.38
CA VAL B 34 7.00 10.30 9.43
C VAL B 34 7.12 9.60 8.05
N TYR B 35 6.81 10.30 6.97
CA TYR B 35 6.87 9.70 5.64
C TYR B 35 7.86 10.53 4.86
N PRO B 36 9.15 10.41 5.20
CA PRO B 36 10.10 11.44 4.78
C PRO B 36 10.27 11.62 3.27
N TRP B 37 9.77 10.71 2.46
CA TRP B 37 9.88 10.92 1.01
C TRP B 37 9.03 12.13 0.61
N THR B 38 8.14 12.58 1.49
CA THR B 38 7.22 13.64 1.12
C THR B 38 7.99 14.95 1.06
N GLN B 39 9.16 14.97 1.71
CA GLN B 39 10.08 16.11 1.67
C GLN B 39 10.52 16.50 0.28
N ARG B 40 10.62 15.57 -0.63
CA ARG B 40 11.01 15.90 -2.02
C ARG B 40 10.15 17.02 -2.64
N PHE B 41 8.88 17.09 -2.27
CA PHE B 41 7.95 18.05 -2.87
C PHE B 41 8.14 19.44 -2.28
N PHE B 42 8.86 19.50 -1.17
CA PHE B 42 8.96 20.72 -0.41
C PHE B 42 10.39 21.22 -0.25
N GLU B 43 11.19 21.05 -1.30
CA GLU B 43 12.63 21.31 -1.26
C GLU B 43 12.97 22.77 -1.13
N THR B 44 12.11 23.64 -1.67
CA THR B 44 12.38 25.05 -1.64
C THR B 44 12.00 25.68 -0.28
N PHE B 45 11.82 24.86 0.75
CA PHE B 45 11.27 25.38 2.00
C PHE B 45 12.35 25.67 3.01
N GLY B 46 13.53 25.16 2.73
CA GLY B 46 14.62 25.35 3.67
C GLY B 46 15.14 24.03 4.18
N ASP B 47 15.87 24.08 5.28
CA ASP B 47 16.48 22.88 5.81
C ASP B 47 15.37 22.00 6.33
N LEU B 48 15.26 20.80 5.76
CA LEU B 48 14.33 19.77 6.23
C LEU B 48 15.10 18.54 6.73
N SER B 49 16.20 18.77 7.43
CA SER B 49 17.14 17.69 7.74
C SER B 49 16.82 16.90 9.01
N SER B 50 16.33 17.60 10.04
CA SER B 50 16.10 17.07 11.38
C SER B 50 14.62 17.24 11.67
N ALA B 51 14.06 16.37 12.49
CA ALA B 51 12.68 16.54 12.91
C ALA B 51 12.42 17.99 13.38
N ASN B 52 13.18 18.43 14.40
CA ASN B 52 13.14 19.82 14.92
C ASN B 52 13.16 20.92 13.85
N ALA B 53 14.09 20.83 12.91
CA ALA B 53 14.13 21.77 11.79
C ALA B 53 12.76 21.78 11.11
N ILE B 54 12.23 20.61 10.79
CA ILE B 54 10.95 20.54 10.10
C ILE B 54 9.80 21.13 10.92
N MET B 55 9.74 20.81 12.22
CA MET B 55 8.62 21.25 13.06
C MET B 55 8.64 22.73 13.34
N ASN B 56 9.82 23.32 13.25
CA ASN B 56 9.96 24.74 13.50
C ASN B 56 10.04 25.60 12.27
N ASN B 57 10.25 24.98 11.11
CA ASN B 57 10.33 25.68 9.81
C ASN B 57 9.11 26.58 9.50
N PRO B 58 9.33 27.90 9.38
CA PRO B 58 8.23 28.85 9.13
C PRO B 58 7.40 28.57 7.87
N LYS B 59 8.05 28.14 6.80
CA LYS B 59 7.39 27.90 5.53
C LYS B 59 6.50 26.66 5.60
N VAL B 60 6.91 25.69 6.41
CA VAL B 60 6.12 24.52 6.69
C VAL B 60 4.82 24.92 7.36
N LYS B 61 4.90 25.69 8.47
CA LYS B 61 3.70 26.22 9.17
C LYS B 61 2.73 26.97 8.25
N ALA B 62 3.26 27.94 7.52
CA ALA B 62 2.44 28.72 6.60
C ALA B 62 1.71 27.80 5.64
N HIS B 63 2.36 26.72 5.19
CA HIS B 63 1.71 25.87 4.21
C HIS B 63 0.69 24.97 4.89
N GLY B 64 1.05 24.53 6.10
CA GLY B 64 0.09 23.88 7.00
C GLY B 64 -1.23 24.63 7.00
N LYS B 65 -1.15 25.93 7.31
CA LYS B 65 -2.34 26.79 7.33
C LYS B 65 -3.17 26.77 6.06
N LYS B 66 -2.56 26.84 4.88
CA LYS B 66 -3.34 26.70 3.64
C LYS B 66 -4.05 25.36 3.53
N VAL B 67 -3.29 24.27 3.68
CA VAL B 67 -3.85 22.91 3.72
C VAL B 67 -5.12 22.86 4.55
N LEU B 68 -5.05 23.32 5.79
CA LEU B 68 -6.20 23.27 6.67
C LEU B 68 -7.40 24.16 6.29
N SER B 69 -7.12 25.31 5.67
CA SER B 69 -8.18 26.26 5.28
C SER B 69 -8.91 25.61 4.14
N SER B 70 -8.14 24.89 3.34
CA SER B 70 -8.68 24.04 2.31
C SER B 70 -9.56 22.94 2.91
N PHE B 71 -9.17 22.45 4.07
CA PHE B 71 -9.97 21.44 4.68
C PHE B 71 -11.23 22.06 5.21
N SER B 72 -11.08 23.29 5.72
CA SER B 72 -12.18 24.00 6.34
C SER B 72 -13.25 24.33 5.32
N ASP B 73 -12.82 24.72 4.13
CA ASP B 73 -13.71 25.00 3.02
C ASP B 73 -14.44 23.72 2.65
N GLY B 74 -13.76 22.59 2.82
CA GLY B 74 -14.31 21.26 2.57
C GLY B 74 -15.50 21.02 3.45
N LEU B 75 -15.34 21.31 4.75
CA LEU B 75 -16.40 21.08 5.73
C LEU B 75 -17.70 21.85 5.43
N LYS B 76 -17.58 22.96 4.70
CA LYS B 76 -18.71 23.76 4.21
C LYS B 76 -19.47 23.13 3.02
N ASN B 77 -18.78 22.36 2.19
CA ASN B 77 -19.40 21.77 1.01
C ASN B 77 -19.45 20.26 1.08
N LEU B 78 -19.81 19.73 2.25
CA LEU B 78 -19.67 18.30 2.52
C LEU B 78 -20.31 17.39 1.50
N ASP B 79 -21.37 17.85 0.83
CA ASP B 79 -22.02 16.98 -0.14
C ASP B 79 -21.65 17.29 -1.59
N ASN B 80 -20.68 18.19 -1.79
CA ASN B 80 -20.02 18.29 -3.09
C ASN B 80 -18.51 18.31 -2.98
N LEU B 81 -17.95 17.44 -2.13
CA LEU B 81 -16.48 17.27 -2.02
C LEU B 81 -15.70 17.16 -3.34
N LYS B 82 -16.20 16.42 -4.32
CA LYS B 82 -15.45 16.28 -5.60
C LYS B 82 -15.30 17.58 -6.39
N GLY B 83 -16.33 18.43 -6.36
CA GLY B 83 -16.33 19.72 -7.09
C GLY B 83 -15.61 20.82 -6.33
N THR B 84 -15.70 20.72 -5.01
CA THR B 84 -14.94 21.56 -4.09
C THR B 84 -13.44 21.35 -4.10
N PHE B 85 -13.01 20.25 -4.71
CA PHE B 85 -11.59 19.89 -4.73
C PHE B 85 -11.14 19.60 -6.15
N ALA B 86 -12.03 19.91 -7.10
CA ALA B 86 -11.69 19.83 -8.52
C ALA B 86 -10.32 20.46 -8.81
N ALA B 87 -10.17 21.77 -8.53
CA ALA B 87 -8.95 22.55 -8.90
C ALA B 87 -7.67 22.09 -8.21
N LEU B 88 -7.81 21.69 -6.95
CA LEU B 88 -6.66 21.18 -6.20
C LEU B 88 -6.23 19.83 -6.72
N SER B 89 -7.20 19.02 -7.16
CA SER B 89 -6.89 17.78 -7.87
C SER B 89 -5.96 17.97 -9.07
N GLU B 90 -6.31 18.85 -10.02
CA GLU B 90 -5.46 19.14 -11.20
C GLU B 90 -4.06 19.59 -10.83
N LEU B 91 -4.01 20.47 -9.83
CA LEU B 91 -2.78 21.04 -9.40
C LEU B 91 -1.89 19.92 -8.89
N HIS B 92 -2.47 19.05 -8.06
CA HIS B 92 -1.69 17.99 -7.46
C HIS B 92 -1.36 16.88 -8.49
N CYS B 93 -2.29 16.61 -9.41
CA CYS B 93 -2.03 15.61 -10.42
C CYS B 93 -1.12 16.06 -11.50
N ASP B 94 -1.53 17.06 -12.27
CA ASP B 94 -0.81 17.37 -13.51
C ASP B 94 0.39 18.28 -13.32
N LYS B 95 0.36 19.17 -12.32
CA LYS B 95 1.48 20.10 -12.09
C LYS B 95 2.55 19.53 -11.18
N LEU B 96 2.14 18.85 -10.10
CA LEU B 96 3.07 18.41 -9.04
C LEU B 96 3.38 16.93 -9.02
N HIS B 97 2.49 16.09 -9.56
CA HIS B 97 2.72 14.64 -9.64
C HIS B 97 2.89 14.03 -8.23
N VAL B 98 1.92 14.24 -7.37
CA VAL B 98 1.92 13.67 -6.05
C VAL B 98 1.00 12.50 -6.18
N ASP B 99 1.51 11.30 -5.95
CA ASP B 99 0.71 10.09 -5.95
C ASP B 99 -0.46 10.22 -5.00
N PRO B 100 -1.66 9.84 -5.45
CA PRO B 100 -2.89 9.82 -4.65
C PRO B 100 -2.77 9.13 -3.28
N GLU B 101 -1.85 8.19 -3.15
CA GLU B 101 -1.62 7.48 -1.91
C GLU B 101 -1.16 8.36 -0.74
N ASN B 102 -0.53 9.50 -1.02
CA ASN B 102 -0.11 10.39 0.06
C ASN B 102 -1.21 11.19 0.71
N PHE B 103 -2.34 11.38 0.02
CA PHE B 103 -3.47 12.10 0.58
C PHE B 103 -4.07 11.31 1.72
N LYS B 104 -4.12 9.97 1.59
CA LYS B 104 -4.67 9.22 2.71
C LYS B 104 -3.71 9.19 3.89
N LEU B 105 -2.42 9.31 3.58
CA LEU B 105 -1.39 9.47 4.61
C LEU B 105 -1.52 10.79 5.40
N LEU B 106 -1.77 11.90 4.72
CA LEU B 106 -1.98 13.20 5.37
C LEU B 106 -3.27 13.20 6.16
N GLY B 107 -4.33 12.64 5.61
CA GLY B 107 -5.53 12.41 6.43
C GLY B 107 -5.18 11.69 7.71
N ASN B 108 -4.39 10.61 7.62
CA ASN B 108 -4.05 9.86 8.81
C ASN B 108 -3.17 10.59 9.78
N VAL B 109 -2.13 11.26 9.28
CA VAL B 109 -1.41 12.16 10.12
C VAL B 109 -2.38 13.20 10.75
N LEU B 110 -3.26 13.77 9.94
CA LEU B 110 -4.21 14.78 10.46
C LEU B 110 -5.04 14.25 11.64
N VAL B 111 -5.59 13.04 11.48
CA VAL B 111 -6.34 12.39 12.55
C VAL B 111 -5.50 12.20 13.83
N CYS B 112 -4.29 11.63 13.71
CA CYS B 112 -3.30 11.56 14.84
C CYS B 112 -3.08 12.89 15.57
N VAL B 113 -2.93 13.96 14.79
CA VAL B 113 -2.76 15.28 15.36
C VAL B 113 -3.98 15.70 16.17
N LEU B 114 -5.19 15.52 15.62
CA LEU B 114 -6.41 15.82 16.37
C LEU B 114 -6.55 14.98 17.64
N ALA B 115 -6.20 13.69 17.59
CA ALA B 115 -6.13 12.87 18.80
C ALA B 115 -5.17 13.43 19.85
N HIS B 116 -4.03 13.93 19.38
CA HIS B 116 -2.98 14.44 20.23
C HIS B 116 -3.44 15.71 20.96
N HIS B 117 -4.16 16.59 20.26
CA HIS B 117 -4.72 17.84 20.84
C HIS B 117 -5.88 17.65 21.77
N PHE B 118 -6.79 16.74 21.46
CA PHE B 118 -8.00 16.67 22.22
C PHE B 118 -8.11 15.48 23.14
N GLY B 119 -7.06 14.69 23.30
CA GLY B 119 -7.15 13.43 24.07
C GLY B 119 -8.57 12.87 24.24
N LYS B 120 -9.05 12.82 25.48
CA LYS B 120 -10.27 12.05 25.78
C LYS B 120 -11.47 12.41 24.95
N GLU B 121 -11.51 13.61 24.41
CA GLU B 121 -12.66 14.07 23.65
C GLU B 121 -12.70 13.51 22.24
N PHE B 122 -11.54 13.11 21.75
CA PHE B 122 -11.45 12.38 20.50
C PHE B 122 -11.85 10.91 20.70
N THR B 123 -13.16 10.70 20.92
CA THR B 123 -13.71 9.40 21.27
C THR B 123 -13.77 8.56 20.03
N PRO B 124 -13.85 7.23 20.17
CA PRO B 124 -13.91 6.39 18.99
C PRO B 124 -14.91 6.82 17.99
N GLN B 125 -16.10 7.19 18.45
CA GLN B 125 -17.20 7.58 17.57
C GLN B 125 -16.82 8.84 16.75
N VAL B 126 -16.20 9.82 17.39
CA VAL B 126 -15.82 11.05 16.72
C VAL B 126 -14.78 10.72 15.66
N GLN B 127 -13.87 9.81 16.02
CA GLN B 127 -12.83 9.37 15.11
C GLN B 127 -13.45 8.73 13.87
N ALA B 128 -14.48 7.89 14.07
CA ALA B 128 -15.13 7.23 12.93
C ALA B 128 -15.59 8.23 11.92
N ALA B 129 -16.13 9.36 12.36
CA ALA B 129 -16.57 10.41 11.43
C ALA B 129 -15.42 11.18 10.73
N TYR B 130 -14.30 11.38 11.42
CA TYR B 130 -13.14 12.02 10.79
C TYR B 130 -12.45 11.11 9.73
N GLN B 131 -12.30 9.83 10.05
CA GLN B 131 -11.88 8.87 9.05
C GLN B 131 -12.74 8.97 7.77
N LYS B 132 -14.06 9.16 7.92
CA LYS B 132 -14.93 9.33 6.77
C LYS B 132 -14.68 10.64 5.98
N ILE B 133 -14.38 11.72 6.70
CA ILE B 133 -14.06 12.98 6.04
C ILE B 133 -12.77 12.84 5.26
N VAL B 134 -11.69 12.53 5.99
CA VAL B 134 -10.36 12.40 5.39
C VAL B 134 -10.38 11.46 4.18
N ALA B 135 -11.06 10.33 4.30
CA ALA B 135 -11.19 9.40 3.18
C ALA B 135 -11.85 10.10 2.02
N GLY B 136 -12.87 10.89 2.31
CA GLY B 136 -13.60 11.64 1.29
C GLY B 136 -12.82 12.76 0.64
N VAL B 137 -12.08 13.52 1.46
CA VAL B 137 -11.11 14.53 0.94
C VAL B 137 -10.08 13.87 0.01
N ALA B 138 -9.51 12.76 0.45
CA ALA B 138 -8.57 11.98 -0.34
C ALA B 138 -9.17 11.53 -1.67
N ASN B 139 -10.40 11.00 -1.64
CA ASN B 139 -11.00 10.57 -2.88
C ASN B 139 -11.26 11.72 -3.80
N ALA B 140 -11.61 12.86 -3.22
CA ALA B 140 -11.95 14.03 -4.01
C ALA B 140 -10.69 14.62 -4.63
N LEU B 141 -9.57 14.51 -3.92
CA LEU B 141 -8.28 14.94 -4.46
C LEU B 141 -7.72 14.05 -5.55
N ALA B 142 -8.30 12.88 -5.75
CA ALA B 142 -7.82 11.89 -6.67
C ALA B 142 -8.59 11.82 -8.00
N HIS B 143 -9.79 12.43 -8.05
CA HIS B 143 -10.65 12.51 -9.25
C HIS B 143 -9.98 12.60 -10.64
N LYS B 144 -9.04 13.54 -10.82
CA LYS B 144 -8.30 13.75 -12.09
C LYS B 144 -7.24 12.72 -12.43
N TYR B 145 -6.85 11.87 -11.48
CA TYR B 145 -5.79 10.87 -11.72
C TYR B 145 -6.34 9.63 -12.43
N HIS B 146 -7.58 9.29 -12.07
CA HIS B 146 -8.36 8.26 -12.76
C HIS B 146 -9.57 8.92 -13.43
N VAL C 1 9.15 -11.11 4.98
CA VAL C 1 10.20 -12.07 5.41
C VAL C 1 10.31 -13.21 4.42
N LEU C 2 11.55 -13.56 4.03
CA LEU C 2 11.78 -14.69 3.11
C LEU C 2 12.01 -16.02 3.83
N SER C 3 11.37 -17.05 3.30
CA SER C 3 11.57 -18.45 3.70
C SER C 3 12.69 -19.06 2.84
N PRO C 4 13.31 -20.20 3.26
CA PRO C 4 14.48 -20.60 2.49
C PRO C 4 14.04 -21.26 1.19
N ALA C 5 12.76 -21.63 1.08
CA ALA C 5 12.13 -21.90 -0.20
C ALA C 5 12.06 -20.66 -1.16
N ASP C 6 11.81 -19.47 -0.61
CA ASP C 6 11.88 -18.22 -1.40
C ASP C 6 13.28 -18.00 -1.87
N LYS C 7 14.20 -18.07 -0.91
CA LYS C 7 15.60 -17.96 -1.24
C LYS C 7 15.98 -18.94 -2.34
N THR C 8 15.47 -20.17 -2.29
CA THR C 8 15.82 -21.19 -3.27
C THR C 8 15.27 -20.80 -4.63
N ASN C 9 14.04 -20.31 -4.66
CA ASN C 9 13.40 -19.90 -5.88
C ASN C 9 13.98 -18.62 -6.47
N ILE C 10 14.29 -17.65 -5.61
CA ILE C 10 14.93 -16.42 -6.06
C ILE C 10 16.27 -16.78 -6.77
N LYS C 11 17.12 -17.59 -6.12
CA LYS C 11 18.40 -18.02 -6.74
C LYS C 11 18.18 -18.72 -8.08
N ALA C 12 17.44 -19.83 -8.06
CA ALA C 12 17.06 -20.50 -9.29
C ALA C 12 16.74 -19.50 -10.39
N SER C 13 15.61 -18.82 -10.32
CA SER C 13 15.23 -17.98 -11.45
C SER C 13 16.26 -16.96 -11.84
N TRP C 14 16.96 -16.35 -10.87
CA TRP C 14 18.02 -15.40 -11.20
C TRP C 14 19.21 -16.03 -11.95
N GLU C 15 19.53 -17.26 -11.62
CA GLU C 15 20.56 -18.02 -12.36
C GLU C 15 20.15 -18.24 -13.82
N LYS C 16 18.84 -18.51 -14.02
CA LYS C 16 18.28 -18.69 -15.36
C LYS C 16 18.31 -17.40 -16.22
N ILE C 17 18.10 -16.24 -15.60
CA ILE C 17 18.33 -14.98 -16.29
C ILE C 17 19.74 -14.95 -16.92
N GLY C 18 20.73 -15.41 -16.15
CA GLY C 18 22.09 -15.58 -16.64
C GLY C 18 22.76 -14.26 -16.92
N SER C 19 23.17 -14.07 -18.17
CA SER C 19 23.87 -12.87 -18.63
C SER C 19 22.94 -11.81 -19.23
N HIS C 20 21.65 -11.89 -18.90
CA HIS C 20 20.63 -11.06 -19.55
C HIS C 20 20.01 -10.03 -18.65
N GLY C 21 20.48 -9.95 -17.40
CA GLY C 21 19.97 -9.02 -16.41
C GLY C 21 19.85 -7.62 -16.96
N GLY C 22 20.94 -7.20 -17.61
CA GLY C 22 21.13 -5.90 -18.21
C GLY C 22 20.01 -5.55 -19.13
N GLU C 23 19.73 -6.38 -20.14
CA GLU C 23 18.61 -6.15 -21.08
C GLU C 23 17.26 -6.13 -20.34
N TYR C 24 17.08 -7.01 -19.37
CA TYR C 24 15.83 -7.07 -18.64
C TYR C 24 15.60 -5.82 -17.80
N GLY C 25 16.67 -5.34 -17.19
CA GLY C 25 16.60 -4.19 -16.37
C GLY C 25 16.27 -3.00 -17.22
N ALA C 26 16.84 -2.91 -18.43
CA ALA C 26 16.59 -1.74 -19.30
C ALA C 26 15.15 -1.81 -19.72
N GLU C 27 14.72 -2.99 -20.18
CA GLU C 27 13.36 -3.16 -20.62
C GLU C 27 12.34 -2.90 -19.51
N ALA C 28 12.64 -3.37 -18.31
CA ALA C 28 11.80 -3.09 -17.19
C ALA C 28 11.66 -1.56 -17.01
N LEU C 29 12.76 -0.82 -17.05
CA LEU C 29 12.68 0.67 -17.00
C LEU C 29 11.86 1.28 -18.11
N GLU C 30 12.09 0.84 -19.34
CA GLU C 30 11.32 1.31 -20.45
C GLU C 30 9.81 1.21 -20.16
N ARG C 31 9.38 0.02 -19.76
CA ARG C 31 7.99 -0.24 -19.50
C ARG C 31 7.43 0.64 -18.37
N THR C 32 8.21 0.80 -17.31
CA THR C 32 7.74 1.64 -16.23
C THR C 32 7.59 3.11 -16.66
N PHE C 33 8.58 3.63 -17.42
CA PHE C 33 8.50 5.03 -17.95
C PHE C 33 7.29 5.22 -18.85
N LEU C 34 6.92 4.15 -19.50
CA LEU C 34 5.94 4.19 -20.55
C LEU C 34 4.52 3.97 -20.06
N CYS C 35 4.34 3.15 -19.02
CA CYS C 35 3.05 2.80 -18.44
C CYS C 35 2.66 3.76 -17.32
N PHE C 36 3.67 4.26 -16.61
CA PHE C 36 3.56 5.25 -15.53
C PHE C 36 4.50 6.46 -15.82
N PRO C 37 4.09 7.34 -16.75
CA PRO C 37 4.86 8.48 -17.19
C PRO C 37 5.45 9.32 -16.09
N THR C 38 4.81 9.38 -14.91
CA THR C 38 5.29 10.30 -13.88
C THR C 38 6.59 9.80 -13.25
N THR C 39 6.94 8.54 -13.46
CA THR C 39 8.25 8.05 -13.02
C THR C 39 9.38 8.79 -13.67
N LYS C 40 9.12 9.40 -14.83
CA LYS C 40 10.18 9.98 -15.67
C LYS C 40 10.71 11.24 -15.03
N THR C 41 9.85 11.76 -14.16
CA THR C 41 10.09 12.90 -13.32
C THR C 41 11.39 12.77 -12.55
N TYR C 42 11.77 11.56 -12.21
CA TYR C 42 12.97 11.30 -11.44
C TYR C 42 14.22 11.34 -12.32
N PHE C 43 14.02 11.46 -13.62
CA PHE C 43 15.15 11.35 -14.53
C PHE C 43 15.09 12.51 -15.50
N PRO C 44 15.01 13.74 -14.97
CA PRO C 44 14.83 14.87 -15.90
C PRO C 44 16.09 15.08 -16.72
N HIS C 45 17.21 14.50 -16.32
CA HIS C 45 18.49 14.71 -16.94
C HIS C 45 18.94 13.58 -17.92
N PHE C 46 18.05 12.63 -18.23
CA PHE C 46 18.36 11.52 -19.11
C PHE C 46 17.77 11.68 -20.48
N ASP C 47 18.36 10.99 -21.43
CA ASP C 47 17.73 10.71 -22.69
C ASP C 47 16.78 9.52 -22.45
N LEU C 48 15.48 9.81 -22.47
CA LEU C 48 14.44 8.78 -22.25
C LEU C 48 13.81 8.32 -23.55
N SER C 49 14.20 8.91 -24.67
CA SER C 49 13.74 8.41 -25.96
C SER C 49 13.99 6.91 -26.02
N HIS C 50 13.14 6.18 -26.74
CA HIS C 50 13.21 4.71 -26.80
C HIS C 50 14.54 4.20 -27.37
N GLY C 51 15.15 3.20 -26.73
CA GLY C 51 16.38 2.61 -27.27
C GLY C 51 17.62 3.27 -26.69
N SER C 52 17.39 4.36 -25.96
CA SER C 52 18.42 5.22 -25.42
C SER C 52 19.56 4.49 -24.74
N ALA C 53 20.77 4.99 -24.95
CA ALA C 53 21.95 4.38 -24.37
C ALA C 53 22.12 4.69 -22.87
N GLN C 54 21.57 5.80 -22.39
CA GLN C 54 21.60 6.09 -20.94
C GLN C 54 20.72 5.12 -20.22
N VAL C 55 19.60 4.74 -20.83
CA VAL C 55 18.68 3.75 -20.23
C VAL C 55 19.33 2.35 -20.16
N LYS C 56 19.85 1.84 -21.28
CA LYS C 56 20.51 0.52 -21.25
C LYS C 56 21.60 0.40 -20.21
N ALA C 57 22.36 1.47 -20.06
CA ALA C 57 23.46 1.51 -19.11
C ALA C 57 22.89 1.49 -17.69
N HIS C 58 21.83 2.25 -17.46
CA HIS C 58 21.23 2.28 -16.14
C HIS C 58 20.58 0.93 -15.81
N GLY C 59 20.01 0.26 -16.81
CA GLY C 59 19.39 -1.05 -16.60
C GLY C 59 20.42 -2.02 -16.09
N LYS C 60 21.62 -1.91 -16.65
CA LYS C 60 22.76 -2.76 -16.32
C LYS C 60 23.15 -2.55 -14.87
N LYS C 61 23.15 -1.29 -14.45
CA LYS C 61 23.39 -0.99 -13.04
C LYS C 61 22.26 -1.47 -12.08
N VAL C 62 20.99 -1.28 -12.47
CA VAL C 62 19.85 -1.78 -11.69
C VAL C 62 19.91 -3.30 -11.59
N ALA C 63 20.25 -3.97 -12.68
CA ALA C 63 20.30 -5.43 -12.65
C ALA C 63 21.47 -5.94 -11.82
N ASP C 64 22.58 -5.21 -11.85
CA ASP C 64 23.69 -5.58 -10.95
C ASP C 64 23.38 -5.42 -9.49
N ALA C 65 22.66 -4.36 -9.14
CA ALA C 65 22.20 -4.18 -7.77
C ALA C 65 21.37 -5.40 -7.34
N LEU C 66 20.57 -5.92 -8.28
CA LEU C 66 19.70 -7.05 -7.99
C LEU C 66 20.50 -8.33 -7.87
N THR C 67 21.53 -8.45 -8.69
CA THR C 67 22.38 -9.62 -8.60
C THR C 67 23.14 -9.60 -7.26
N ASN C 68 23.64 -8.43 -6.90
CA ASN C 68 24.21 -8.16 -5.61
C ASN C 68 23.21 -8.55 -4.51
N ALA C 69 21.96 -8.11 -4.66
CA ALA C 69 20.95 -8.38 -3.67
C ALA C 69 20.73 -9.90 -3.53
N VAL C 70 20.69 -10.62 -4.64
CA VAL C 70 20.41 -12.08 -4.66
C VAL C 70 21.50 -12.84 -3.95
N GLY C 71 22.69 -12.23 -3.92
CA GLY C 71 23.88 -12.82 -3.36
C GLY C 71 24.02 -12.63 -1.85
N HIS C 72 23.22 -11.73 -1.29
CA HIS C 72 23.23 -11.39 0.12
C HIS C 72 21.86 -11.42 0.74
N LEU C 73 21.15 -12.53 0.48
CA LEU C 73 19.74 -12.59 0.79
C LEU C 73 19.48 -12.62 2.28
N ASP C 74 20.52 -12.94 3.06
CA ASP C 74 20.40 -13.02 4.52
C ASP C 74 20.70 -11.68 5.21
N ASP C 75 21.26 -10.72 4.46
CA ASP C 75 21.62 -9.40 5.01
C ASP C 75 21.54 -8.26 3.98
N LEU C 76 20.31 -8.05 3.49
CA LEU C 76 20.02 -6.98 2.53
C LEU C 76 20.20 -5.54 3.10
N PRO C 77 19.89 -5.32 4.40
CA PRO C 77 20.22 -3.99 4.89
C PRO C 77 21.72 -3.75 4.83
N GLY C 78 22.52 -4.78 5.12
CA GLY C 78 23.97 -4.65 5.13
C GLY C 78 24.49 -4.38 3.74
N ALA C 79 24.01 -5.17 2.78
CA ALA C 79 24.62 -5.26 1.45
C ALA C 79 24.21 -4.09 0.57
N LEU C 80 23.05 -3.51 0.90
CA LEU C 80 22.46 -2.50 0.05
C LEU C 80 22.57 -1.11 0.66
N SER C 81 23.28 -0.98 1.79
CA SER C 81 23.27 0.28 2.52
C SER C 81 23.60 1.56 1.73
N ALA C 82 24.51 1.51 0.75
CA ALA C 82 24.78 2.71 -0.07
C ALA C 82 23.62 3.03 -0.98
N LEU C 83 22.93 2.00 -1.45
CA LEU C 83 21.76 2.21 -2.30
C LEU C 83 20.54 2.76 -1.54
N SER C 84 20.48 2.44 -0.26
CA SER C 84 19.49 3.02 0.61
C SER C 84 19.86 4.47 0.88
N ASP C 85 21.14 4.73 1.11
CA ASP C 85 21.58 6.10 1.23
C ASP C 85 21.15 6.95 -0.01
N LEU C 86 21.34 6.41 -1.21
CA LEU C 86 21.02 7.11 -2.45
C LEU C 86 19.51 7.32 -2.67
N HIS C 87 18.71 6.25 -2.57
CA HIS C 87 17.25 6.37 -2.80
C HIS C 87 16.40 6.99 -1.63
N ALA C 88 16.89 6.89 -0.39
CA ALA C 88 16.12 7.35 0.77
C ALA C 88 16.54 8.72 1.33
N TYR C 89 17.84 8.99 1.43
CA TYR C 89 18.29 10.32 1.89
C TYR C 89 18.48 11.25 0.72
N LYS C 90 19.18 10.80 -0.31
CA LYS C 90 19.55 11.72 -1.38
C LYS C 90 18.43 11.91 -2.40
N LEU C 91 17.85 10.86 -2.96
CA LEU C 91 16.82 11.05 -4.00
C LEU C 91 15.38 11.11 -3.52
N ARG C 92 15.08 10.50 -2.36
CA ARG C 92 13.77 10.57 -1.69
C ARG C 92 12.64 10.11 -2.61
N VAL C 93 12.76 8.85 -3.03
CA VAL C 93 11.90 8.27 -4.03
C VAL C 93 10.65 7.79 -3.33
N ASP C 94 9.49 8.24 -3.83
CA ASP C 94 8.22 7.76 -3.30
C ASP C 94 8.13 6.24 -3.42
N PRO C 95 7.85 5.55 -2.31
CA PRO C 95 7.77 4.09 -2.32
C PRO C 95 6.88 3.54 -3.41
N VAL C 96 5.87 4.33 -3.79
CA VAL C 96 4.90 3.86 -4.76
C VAL C 96 5.70 3.49 -5.97
N ASN C 97 6.66 4.33 -6.37
CA ASN C 97 7.46 4.07 -7.59
C ASN C 97 8.20 2.75 -7.56
N PHE C 98 8.46 2.22 -6.38
CA PHE C 98 9.13 0.93 -6.30
C PHE C 98 8.23 -0.18 -6.64
N LYS C 99 6.94 -0.02 -6.34
CA LYS C 99 5.95 -1.03 -6.67
C LYS C 99 5.83 -1.10 -8.17
N LEU C 100 5.76 0.09 -8.77
CA LEU C 100 5.63 0.24 -10.21
C LEU C 100 6.82 -0.42 -10.92
N LEU C 101 8.04 -0.14 -10.47
CA LEU C 101 9.21 -0.71 -11.16
C LEU C 101 9.27 -2.23 -10.95
N SER C 102 8.93 -2.68 -9.73
CA SER C 102 8.88 -4.12 -9.44
C SER C 102 7.90 -4.91 -10.33
N HIS C 103 6.72 -4.34 -10.55
CA HIS C 103 5.73 -4.98 -11.37
C HIS C 103 6.23 -5.09 -12.82
N CYS C 104 6.77 -3.99 -13.34
CA CYS C 104 7.36 -3.99 -14.67
C CYS C 104 8.54 -4.95 -14.81
N LEU C 105 9.33 -5.13 -13.77
CA LEU C 105 10.34 -6.19 -13.79
C LEU C 105 9.77 -7.59 -13.91
N LEU C 106 8.66 -7.86 -13.23
CA LEU C 106 8.10 -9.22 -13.24
C LEU C 106 7.48 -9.58 -14.61
N VAL C 107 6.77 -8.61 -15.17
CA VAL C 107 6.28 -8.66 -16.56
C VAL C 107 7.46 -8.91 -17.55
N THR C 108 8.55 -8.17 -17.40
CA THR C 108 9.70 -8.37 -18.24
C THR C 108 10.17 -9.82 -18.15
N LEU C 109 10.31 -10.33 -16.93
CA LEU C 109 10.75 -11.68 -16.72
C LEU C 109 9.75 -12.67 -17.27
N ALA C 110 8.48 -12.48 -16.95
CA ALA C 110 7.45 -13.40 -17.43
C ALA C 110 7.44 -13.46 -18.93
N SER C 111 7.73 -12.36 -19.59
CA SER C 111 7.56 -12.33 -21.04
C SER C 111 8.73 -12.99 -21.81
N HIS C 112 9.89 -13.08 -21.16
CA HIS C 112 11.11 -13.68 -21.68
C HIS C 112 11.35 -15.09 -21.13
N HIS C 113 10.80 -15.41 -19.96
CA HIS C 113 11.08 -16.70 -19.32
C HIS C 113 9.85 -17.42 -18.85
N PRO C 114 8.93 -17.71 -19.79
CA PRO C 114 7.66 -18.30 -19.38
C PRO C 114 7.80 -19.61 -18.62
N ALA C 115 8.72 -20.49 -19.00
CA ALA C 115 8.71 -21.82 -18.40
C ALA C 115 9.12 -21.69 -16.96
N GLU C 116 9.95 -20.70 -16.67
CA GLU C 116 10.50 -20.52 -15.34
C GLU C 116 9.55 -19.79 -14.45
N PHE C 117 8.81 -18.87 -15.08
CA PHE C 117 7.89 -18.00 -14.38
C PHE C 117 6.68 -18.74 -13.81
N THR C 118 6.95 -19.80 -13.07
CA THR C 118 5.92 -20.60 -12.46
C THR C 118 5.26 -19.81 -11.33
N PRO C 119 4.03 -20.21 -10.93
CA PRO C 119 3.41 -19.41 -9.87
C PRO C 119 4.30 -19.29 -8.66
N ALA C 120 4.95 -20.36 -8.22
CA ALA C 120 5.70 -20.33 -6.98
C ALA C 120 6.92 -19.43 -7.12
N VAL C 121 7.48 -19.35 -8.31
CA VAL C 121 8.61 -18.45 -8.52
C VAL C 121 8.12 -17.02 -8.59
N HIS C 122 7.02 -16.80 -9.32
CA HIS C 122 6.34 -15.51 -9.33
C HIS C 122 6.16 -15.02 -7.87
N ALA C 123 5.56 -15.84 -7.01
CA ALA C 123 5.28 -15.44 -5.62
C ALA C 123 6.55 -15.04 -4.85
N SER C 124 7.63 -15.80 -5.06
CA SER C 124 8.90 -15.50 -4.45
C SER C 124 9.50 -14.22 -4.95
N LEU C 125 9.60 -14.04 -6.27
CA LEU C 125 10.27 -12.84 -6.75
C LEU C 125 9.56 -11.59 -6.27
N ASP C 126 8.24 -11.65 -6.10
CA ASP C 126 7.47 -10.47 -5.65
C ASP C 126 7.87 -10.12 -4.22
N LYS C 127 7.93 -11.13 -3.37
CA LYS C 127 8.46 -10.95 -2.01
C LYS C 127 9.86 -10.38 -2.10
N PHE C 128 10.64 -10.95 -3.00
CA PHE C 128 12.00 -10.53 -3.17
C PHE C 128 12.00 -9.04 -3.37
N LEU C 129 11.26 -8.59 -4.40
CA LEU C 129 11.27 -7.17 -4.82
C LEU C 129 10.71 -6.23 -3.76
N SER C 130 9.67 -6.67 -3.10
CA SER C 130 9.14 -5.89 -2.03
C SER C 130 10.11 -5.80 -0.81
N SER C 131 10.76 -6.90 -0.48
CA SER C 131 11.93 -6.89 0.44
C SER C 131 13.06 -5.96 0.02
N VAL C 132 13.39 -5.93 -1.27
CA VAL C 132 14.44 -5.03 -1.70
C VAL C 132 13.96 -3.60 -1.53
N SER C 133 12.82 -3.29 -2.16
CA SER C 133 12.14 -1.98 -2.06
C SER C 133 12.05 -1.39 -0.64
N THR C 134 11.81 -2.23 0.36
CA THR C 134 11.65 -1.72 1.71
C THR C 134 12.95 -1.20 2.19
N VAL C 135 13.99 -1.98 1.94
CA VAL C 135 15.34 -1.63 2.35
C VAL C 135 15.76 -0.33 1.66
N LEU C 136 15.53 -0.21 0.35
CA LEU C 136 15.97 1.01 -0.33
C LEU C 136 15.18 2.27 -0.01
N THR C 137 14.02 2.17 0.63
CA THR C 137 13.21 3.36 0.95
C THR C 137 13.20 3.65 2.45
N SER C 138 13.97 2.83 3.19
CA SER C 138 14.18 2.96 4.64
C SER C 138 15.42 3.76 4.94
N LYS C 139 15.36 4.63 5.96
CA LYS C 139 16.54 5.38 6.43
C LYS C 139 17.05 4.74 7.70
N TYR C 140 18.14 3.96 7.63
CA TYR C 140 18.53 3.13 8.79
C TYR C 140 19.96 3.31 9.30
N ARG C 141 20.73 4.17 8.63
CA ARG C 141 21.97 4.67 9.20
C ARG C 141 22.28 6.04 8.68
N VAL D 1 -9.38 2.83 -17.89
CA VAL D 1 -9.88 4.19 -17.55
C VAL D 1 -10.32 4.81 -18.89
N HIS D 2 -9.75 5.99 -19.20
CA HIS D 2 -10.12 6.82 -20.35
C HIS D 2 -9.11 6.60 -21.46
N LEU D 3 -9.50 5.79 -22.45
CA LEU D 3 -8.56 5.32 -23.46
C LEU D 3 -8.61 6.13 -24.71
N THR D 4 -7.48 6.30 -25.38
CA THR D 4 -7.48 6.93 -26.67
C THR D 4 -7.94 5.87 -27.72
N ALA D 5 -8.33 6.33 -28.90
CA ALA D 5 -8.71 5.40 -29.97
C ALA D 5 -7.62 4.34 -30.27
N GLU D 6 -6.34 4.79 -30.29
CA GLU D 6 -5.20 3.92 -30.51
C GLU D 6 -5.02 2.91 -29.40
N GLU D 7 -5.22 3.31 -28.14
CA GLU D 7 -5.10 2.34 -27.05
C GLU D 7 -6.22 1.28 -27.15
N LYS D 8 -7.45 1.71 -27.47
CA LYS D 8 -8.55 0.77 -27.73
C LYS D 8 -8.19 -0.25 -28.80
N ALA D 9 -7.46 0.17 -29.84
CA ALA D 9 -7.07 -0.78 -30.85
C ALA D 9 -6.07 -1.82 -30.35
N HIS D 10 -4.98 -1.42 -29.70
CA HIS D 10 -4.05 -2.37 -29.08
C HIS D 10 -4.82 -3.36 -28.14
N VAL D 11 -5.68 -2.83 -27.27
CA VAL D 11 -6.35 -3.65 -26.26
C VAL D 11 -7.29 -4.65 -26.94
N SER D 12 -8.22 -4.17 -27.77
CA SER D 12 -9.11 -5.06 -28.52
C SER D 12 -8.35 -6.04 -29.49
N GLY D 13 -7.32 -5.58 -30.17
CA GLY D 13 -6.56 -6.47 -31.05
C GLY D 13 -5.87 -7.65 -30.38
N LEU D 14 -5.38 -7.45 -29.15
CA LEU D 14 -4.76 -8.51 -28.36
C LEU D 14 -5.79 -9.49 -27.83
N TRP D 15 -6.94 -8.96 -27.41
CA TRP D 15 -7.93 -9.71 -26.64
C TRP D 15 -8.56 -10.82 -27.48
N GLY D 16 -8.77 -10.56 -28.76
CA GLY D 16 -9.15 -11.58 -29.74
C GLY D 16 -8.27 -12.83 -29.77
N LYS D 17 -7.01 -12.69 -29.38
CA LYS D 17 -6.16 -13.88 -29.30
C LYS D 17 -6.15 -14.55 -27.93
N VAL D 18 -6.97 -14.06 -27.00
CA VAL D 18 -6.88 -14.51 -25.62
C VAL D 18 -7.76 -15.70 -25.38
N ASN D 19 -7.13 -16.78 -24.91
CA ASN D 19 -7.80 -18.02 -24.51
C ASN D 19 -8.55 -17.88 -23.18
N THR D 20 -9.86 -17.68 -23.25
CA THR D 20 -10.63 -17.24 -22.08
C THR D 20 -10.87 -18.38 -21.10
N GLU D 21 -10.69 -19.61 -21.58
CA GLU D 21 -10.69 -20.79 -20.70
C GLU D 21 -9.43 -20.90 -19.87
N GLU D 22 -8.29 -20.60 -20.46
CA GLU D 22 -7.06 -20.74 -19.71
C GLU D 22 -6.78 -19.54 -18.82
N VAL D 23 -6.96 -18.34 -19.37
CA VAL D 23 -6.35 -17.13 -18.81
C VAL D 23 -6.92 -16.70 -17.46
N GLY D 24 -8.24 -16.84 -17.30
CA GLY D 24 -8.91 -16.47 -16.04
C GLY D 24 -8.53 -17.35 -14.86
N GLY D 25 -8.41 -18.64 -15.13
CA GLY D 25 -7.98 -19.60 -14.13
C GLY D 25 -6.53 -19.42 -13.74
N GLU D 26 -5.71 -19.04 -14.71
CA GLU D 26 -4.33 -18.73 -14.42
C GLU D 26 -4.22 -17.40 -13.65
N ALA D 27 -4.93 -16.36 -14.08
CA ALA D 27 -5.00 -15.13 -13.30
C ALA D 27 -5.37 -15.42 -11.85
N LEU D 28 -6.52 -16.04 -11.63
CA LEU D 28 -6.98 -16.29 -10.25
C LEU D 28 -6.09 -17.24 -9.48
N GLY D 29 -5.60 -18.29 -10.13
CA GLY D 29 -4.64 -19.17 -9.45
C GLY D 29 -3.48 -18.34 -8.86
N ARG D 30 -2.91 -17.47 -9.68
CA ARG D 30 -1.74 -16.70 -9.28
C ARG D 30 -1.99 -15.67 -8.16
N LEU D 31 -3.13 -15.00 -8.22
CA LEU D 31 -3.61 -14.16 -7.14
C LEU D 31 -3.59 -14.95 -5.84
N LEU D 32 -4.22 -16.13 -5.83
CA LEU D 32 -4.20 -16.96 -4.62
C LEU D 32 -2.82 -17.46 -4.17
N VAL D 33 -1.84 -17.57 -5.06
CA VAL D 33 -0.54 -18.10 -4.69
C VAL D 33 0.37 -16.97 -4.27
N VAL D 34 0.41 -15.91 -5.09
CA VAL D 34 1.22 -14.72 -4.87
C VAL D 34 0.70 -13.89 -3.67
N TYR D 35 -0.62 -13.71 -3.56
CA TYR D 35 -1.25 -12.90 -2.51
C TYR D 35 -2.13 -13.78 -1.60
N PRO D 36 -1.49 -14.65 -0.79
CA PRO D 36 -2.20 -15.84 -0.22
C PRO D 36 -3.31 -15.56 0.77
N TRP D 37 -3.37 -14.33 1.32
CA TRP D 37 -4.46 -13.98 2.22
C TRP D 37 -5.77 -13.94 1.43
N THR D 38 -5.64 -13.85 0.10
CA THR D 38 -6.82 -13.89 -0.78
C THR D 38 -7.46 -15.26 -0.79
N GLN D 39 -6.78 -16.25 -0.27
CA GLN D 39 -7.41 -17.54 -0.14
C GLN D 39 -8.59 -17.51 0.88
N ARG D 40 -8.55 -16.59 1.82
CA ARG D 40 -9.54 -16.63 2.85
C ARG D 40 -10.90 -16.48 2.20
N PHE D 41 -10.93 -15.77 1.07
CA PHE D 41 -12.18 -15.52 0.36
C PHE D 41 -12.74 -16.72 -0.35
N PHE D 42 -11.93 -17.74 -0.59
CA PHE D 42 -12.30 -18.87 -1.44
C PHE D 42 -12.15 -20.19 -0.72
N GLU D 43 -12.39 -20.20 0.59
CA GLU D 43 -12.24 -21.43 1.39
C GLU D 43 -13.05 -22.62 0.81
N THR D 44 -14.30 -22.35 0.43
CA THR D 44 -15.23 -23.39 0.04
C THR D 44 -14.88 -24.01 -1.32
N PHE D 45 -13.71 -23.64 -1.84
CA PHE D 45 -13.27 -24.12 -3.16
C PHE D 45 -12.43 -25.38 -3.11
N GLY D 46 -12.04 -25.83 -1.92
CA GLY D 46 -11.23 -27.03 -1.77
C GLY D 46 -9.95 -26.76 -1.00
N ASP D 47 -9.04 -27.74 -0.94
CA ASP D 47 -7.73 -27.43 -0.31
C ASP D 47 -6.95 -26.52 -1.25
N LEU D 48 -6.38 -25.50 -0.66
CA LEU D 48 -5.68 -24.50 -1.41
C LEU D 48 -4.27 -24.41 -0.86
N SER D 49 -3.78 -25.54 -0.37
CA SER D 49 -2.60 -25.60 0.50
C SER D 49 -1.25 -25.55 -0.22
N SER D 50 -1.23 -25.86 -1.51
CA SER D 50 0.00 -25.79 -2.28
C SER D 50 -0.21 -25.03 -3.60
N ALA D 51 0.89 -24.49 -4.17
CA ALA D 51 0.83 -23.83 -5.48
C ALA D 51 0.15 -24.75 -6.50
N ASN D 52 0.51 -26.03 -6.46
CA ASN D 52 -0.01 -27.03 -7.39
C ASN D 52 -1.44 -27.39 -7.11
N ALA D 53 -1.82 -27.53 -5.83
CA ALA D 53 -3.21 -27.74 -5.51
C ALA D 53 -4.01 -26.53 -6.05
N ILE D 54 -3.60 -25.31 -5.69
CA ILE D 54 -4.37 -24.13 -6.11
C ILE D 54 -4.52 -24.10 -7.62
N MET D 55 -3.40 -24.30 -8.33
CA MET D 55 -3.37 -24.24 -9.80
C MET D 55 -4.04 -25.43 -10.49
N ASN D 56 -4.59 -26.37 -9.73
CA ASN D 56 -5.28 -27.50 -10.35
C ASN D 56 -6.72 -27.72 -9.89
N ASN D 57 -7.11 -26.94 -8.90
CA ASN D 57 -8.46 -26.90 -8.44
C ASN D 57 -9.45 -26.53 -9.58
N PRO D 58 -10.45 -27.39 -9.82
CA PRO D 58 -11.37 -27.14 -10.94
C PRO D 58 -12.38 -26.00 -10.66
N LYS D 59 -12.65 -25.75 -9.37
CA LYS D 59 -13.46 -24.63 -8.96
C LYS D 59 -12.71 -23.31 -9.16
N VAL D 60 -11.40 -23.33 -8.94
CA VAL D 60 -10.58 -22.15 -9.21
C VAL D 60 -10.63 -21.82 -10.71
N LYS D 61 -10.30 -22.80 -11.56
CA LYS D 61 -10.42 -22.66 -13.03
C LYS D 61 -11.80 -22.15 -13.53
N ALA D 62 -12.87 -22.64 -12.90
CA ALA D 62 -14.19 -22.31 -13.34
C ALA D 62 -14.61 -20.93 -12.83
N HIS D 63 -14.17 -20.56 -11.62
CA HIS D 63 -14.50 -19.23 -11.16
C HIS D 63 -13.70 -18.22 -12.01
N GLY D 64 -12.46 -18.62 -12.33
CA GLY D 64 -11.55 -17.81 -13.10
C GLY D 64 -12.17 -17.43 -14.40
N LYS D 65 -12.83 -18.38 -15.03
CA LYS D 65 -13.45 -18.12 -16.31
C LYS D 65 -14.51 -17.06 -16.21
N LYS D 66 -15.30 -17.11 -15.12
CA LYS D 66 -16.35 -16.12 -14.83
C LYS D 66 -15.75 -14.73 -14.66
N VAL D 67 -14.65 -14.65 -13.93
CA VAL D 67 -13.99 -13.38 -13.69
C VAL D 67 -13.63 -12.76 -15.03
N LEU D 68 -13.16 -13.60 -15.92
CA LEU D 68 -12.52 -13.16 -17.12
C LEU D 68 -13.50 -12.80 -18.21
N SER D 69 -14.67 -13.47 -18.28
CA SER D 69 -15.66 -12.95 -19.24
C SER D 69 -16.36 -11.72 -18.69
N SER D 70 -16.30 -11.52 -17.39
CA SER D 70 -16.72 -10.28 -16.79
C SER D 70 -15.86 -9.09 -17.26
N PHE D 71 -14.57 -9.33 -17.38
CA PHE D 71 -13.64 -8.39 -17.94
C PHE D 71 -13.92 -8.13 -19.44
N SER D 72 -14.40 -9.18 -20.12
CA SER D 72 -14.74 -9.07 -21.52
C SER D 72 -15.92 -8.14 -21.70
N ASP D 73 -16.97 -8.33 -20.90
CA ASP D 73 -18.09 -7.38 -20.90
C ASP D 73 -17.54 -6.02 -20.64
N GLY D 74 -16.62 -5.90 -19.70
CA GLY D 74 -15.94 -4.62 -19.46
C GLY D 74 -15.42 -3.97 -20.75
N LEU D 75 -14.78 -4.76 -21.62
CA LEU D 75 -14.13 -4.22 -22.82
C LEU D 75 -15.10 -3.68 -23.85
N LYS D 76 -16.32 -4.21 -23.79
CA LYS D 76 -17.40 -3.81 -24.67
C LYS D 76 -18.06 -2.53 -24.16
N ASN D 77 -17.59 -2.01 -23.03
CA ASN D 77 -18.18 -0.85 -22.41
C ASN D 77 -17.22 0.04 -21.60
N LEU D 78 -16.00 0.14 -22.13
CA LEU D 78 -14.90 0.95 -21.64
C LEU D 78 -15.25 2.38 -21.26
N ASP D 79 -16.16 2.98 -22.01
CA ASP D 79 -16.53 4.36 -21.76
C ASP D 79 -17.57 4.52 -20.66
N ASN D 80 -18.00 3.40 -20.06
CA ASN D 80 -18.87 3.42 -18.87
C ASN D 80 -18.58 2.29 -17.89
N LEU D 81 -17.30 2.07 -17.59
CA LEU D 81 -16.90 0.98 -16.72
C LEU D 81 -17.66 0.98 -15.42
N LYS D 82 -17.81 2.15 -14.79
CA LYS D 82 -18.63 2.31 -13.58
C LYS D 82 -20.02 1.66 -13.71
N GLY D 83 -20.73 2.07 -14.75
CA GLY D 83 -22.04 1.54 -15.07
C GLY D 83 -22.04 0.04 -15.22
N THR D 84 -21.05 -0.52 -15.89
CA THR D 84 -21.14 -1.94 -16.17
C THR D 84 -20.66 -2.80 -15.02
N PHE D 85 -20.06 -2.17 -14.02
CA PHE D 85 -19.67 -2.93 -12.83
C PHE D 85 -20.45 -2.54 -11.57
N ALA D 86 -21.46 -1.68 -11.68
CA ALA D 86 -22.25 -1.26 -10.49
C ALA D 86 -22.69 -2.46 -9.63
N ALA D 87 -23.29 -3.46 -10.28
CA ALA D 87 -23.73 -4.69 -9.59
C ALA D 87 -22.60 -5.46 -8.94
N LEU D 88 -21.54 -5.72 -9.69
CA LEU D 88 -20.36 -6.44 -9.21
C LEU D 88 -19.74 -5.71 -8.05
N SER D 89 -19.85 -4.39 -8.08
CA SER D 89 -19.30 -3.56 -7.05
C SER D 89 -20.05 -3.76 -5.74
N GLU D 90 -21.38 -3.64 -5.73
CA GLU D 90 -22.19 -4.00 -4.57
C GLU D 90 -21.82 -5.37 -4.09
N LEU D 91 -21.96 -6.38 -4.94
CA LEU D 91 -21.58 -7.74 -4.50
C LEU D 91 -20.29 -7.75 -3.65
N HIS D 92 -19.19 -7.22 -4.16
CA HIS D 92 -17.90 -7.32 -3.48
C HIS D 92 -17.75 -6.40 -2.28
N CYS D 93 -18.58 -5.36 -2.20
CA CYS D 93 -18.52 -4.46 -1.05
C CYS D 93 -19.38 -4.90 0.15
N ASP D 94 -20.69 -5.10 -0.06
CA ASP D 94 -21.62 -5.34 1.05
C ASP D 94 -21.62 -6.81 1.40
N LYS D 95 -21.60 -7.68 0.39
CA LYS D 95 -21.67 -9.10 0.68
C LYS D 95 -20.33 -9.73 1.05
N LEU D 96 -19.29 -9.53 0.23
CA LEU D 96 -18.07 -10.30 0.37
C LEU D 96 -17.07 -9.63 1.22
N HIS D 97 -17.10 -8.29 1.27
CA HIS D 97 -16.18 -7.52 2.14
C HIS D 97 -14.72 -7.62 1.64
N VAL D 98 -14.52 -7.39 0.35
CA VAL D 98 -13.19 -7.50 -0.23
C VAL D 98 -12.56 -6.13 -0.29
N ASP D 99 -11.46 -5.95 0.42
CA ASP D 99 -10.82 -4.67 0.31
C ASP D 99 -10.36 -4.39 -1.11
N PRO D 100 -10.69 -3.19 -1.64
CA PRO D 100 -10.43 -2.85 -3.04
C PRO D 100 -8.96 -2.85 -3.47
N GLU D 101 -8.06 -2.78 -2.51
CA GLU D 101 -6.64 -2.93 -2.79
C GLU D 101 -6.34 -4.26 -3.46
N ASN D 102 -7.20 -5.24 -3.24
CA ASN D 102 -7.06 -6.52 -3.89
C ASN D 102 -7.49 -6.54 -5.40
N PHE D 103 -8.34 -5.59 -5.82
CA PHE D 103 -8.70 -5.44 -7.20
C PHE D 103 -7.52 -5.01 -8.02
N LYS D 104 -6.67 -4.15 -7.46
CA LYS D 104 -5.44 -3.70 -8.13
C LYS D 104 -4.52 -4.91 -8.35
N LEU D 105 -4.32 -5.70 -7.29
CA LEU D 105 -3.46 -6.85 -7.34
C LEU D 105 -3.90 -7.86 -8.36
N LEU D 106 -5.19 -8.22 -8.42
CA LEU D 106 -5.67 -9.13 -9.45
C LEU D 106 -5.40 -8.51 -10.83
N GLY D 107 -5.69 -7.22 -10.98
CA GLY D 107 -5.33 -6.55 -12.20
C GLY D 107 -3.90 -6.70 -12.63
N ASN D 108 -2.93 -6.55 -11.73
CA ASN D 108 -1.51 -6.67 -12.12
C ASN D 108 -1.15 -8.09 -12.39
N VAL D 109 -1.74 -8.99 -11.64
CA VAL D 109 -1.57 -10.38 -11.90
C VAL D 109 -1.98 -10.75 -13.33
N LEU D 110 -3.16 -10.27 -13.77
CA LEU D 110 -3.72 -10.59 -15.09
C LEU D 110 -2.75 -10.20 -16.19
N VAL D 111 -2.22 -8.98 -16.04
CA VAL D 111 -1.21 -8.40 -16.91
C VAL D 111 0.01 -9.28 -16.96
N CYS D 112 0.51 -9.70 -15.80
CA CYS D 112 1.66 -10.63 -15.81
C CYS D 112 1.31 -11.88 -16.61
N VAL D 113 0.09 -12.37 -16.40
CA VAL D 113 -0.43 -13.53 -17.14
C VAL D 113 -0.50 -13.27 -18.65
N LEU D 114 -0.98 -12.08 -19.08
CA LEU D 114 -0.84 -11.68 -20.51
C LEU D 114 0.58 -11.72 -21.06
N ALA D 115 1.54 -11.17 -20.31
CA ALA D 115 2.92 -11.10 -20.76
C ALA D 115 3.49 -12.49 -20.90
N HIS D 116 3.17 -13.36 -19.96
CA HIS D 116 3.47 -14.81 -20.01
C HIS D 116 3.01 -15.47 -21.32
N HIS D 117 1.77 -15.23 -21.76
CA HIS D 117 1.28 -15.94 -22.91
C HIS D 117 1.82 -15.34 -24.19
N PHE D 118 1.96 -14.03 -24.24
CA PHE D 118 2.17 -13.37 -25.51
C PHE D 118 3.59 -12.95 -25.77
N GLY D 119 4.44 -13.12 -24.77
CA GLY D 119 5.84 -12.80 -24.89
C GLY D 119 6.13 -11.47 -25.54
N LYS D 120 7.04 -11.50 -26.52
CA LYS D 120 7.46 -10.35 -27.34
C LYS D 120 6.31 -9.46 -27.82
N GLU D 121 5.16 -10.06 -28.13
CA GLU D 121 4.13 -9.22 -28.66
C GLU D 121 3.43 -8.39 -27.62
N PHE D 122 3.66 -8.69 -26.35
CA PHE D 122 3.21 -7.85 -25.24
C PHE D 122 4.15 -6.67 -25.04
N THR D 123 4.23 -5.84 -26.06
CA THR D 123 5.20 -4.73 -26.16
C THR D 123 4.87 -3.71 -25.14
N PRO D 124 5.84 -2.87 -24.76
CA PRO D 124 5.52 -1.85 -23.74
C PRO D 124 4.31 -0.95 -24.08
N GLN D 125 4.08 -0.61 -25.36
CA GLN D 125 2.92 0.20 -25.70
C GLN D 125 1.62 -0.56 -25.38
N VAL D 126 1.56 -1.85 -25.72
CA VAL D 126 0.38 -2.63 -25.47
C VAL D 126 0.11 -2.73 -23.95
N GLN D 127 1.16 -3.01 -23.16
CA GLN D 127 1.02 -3.08 -21.71
C GLN D 127 0.46 -1.78 -21.20
N ALA D 128 1.02 -0.69 -21.69
CA ALA D 128 0.56 0.61 -21.23
C ALA D 128 -0.96 0.71 -21.36
N ALA D 129 -1.52 0.22 -22.46
CA ALA D 129 -2.98 0.29 -22.66
C ALA D 129 -3.75 -0.61 -21.68
N TYR D 130 -3.26 -1.83 -21.45
CA TYR D 130 -3.86 -2.72 -20.45
C TYR D 130 -3.77 -2.18 -19.02
N GLN D 131 -2.64 -1.55 -18.67
CA GLN D 131 -2.51 -0.94 -17.37
C GLN D 131 -3.63 0.06 -17.16
N LYS D 132 -3.95 0.86 -18.18
CA LYS D 132 -5.15 1.74 -18.14
C LYS D 132 -6.48 1.00 -17.94
N ILE D 133 -6.66 -0.12 -18.62
CA ILE D 133 -7.83 -0.99 -18.46
C ILE D 133 -7.98 -1.47 -17.03
N VAL D 134 -6.99 -2.21 -16.54
CA VAL D 134 -7.06 -2.80 -15.19
C VAL D 134 -7.17 -1.73 -14.06
N ALA D 135 -6.44 -0.63 -14.21
CA ALA D 135 -6.64 0.52 -13.32
C ALA D 135 -8.10 0.92 -13.30
N GLY D 136 -8.71 0.97 -14.50
CA GLY D 136 -10.09 1.46 -14.65
C GLY D 136 -11.11 0.50 -14.13
N VAL D 137 -10.83 -0.78 -14.27
CA VAL D 137 -11.71 -1.81 -13.76
C VAL D 137 -11.54 -1.93 -12.26
N ALA D 138 -10.32 -1.81 -11.75
CA ALA D 138 -10.17 -1.82 -10.31
C ALA D 138 -10.96 -0.63 -9.71
N ASN D 139 -10.96 0.49 -10.41
CA ASN D 139 -11.61 1.67 -9.91
C ASN D 139 -13.13 1.66 -9.94
N ALA D 140 -13.70 1.22 -11.07
CA ALA D 140 -15.13 0.99 -11.20
C ALA D 140 -15.60 0.13 -10.03
N LEU D 141 -14.93 -1.01 -9.83
CA LEU D 141 -15.26 -2.03 -8.85
C LEU D 141 -15.27 -1.54 -7.41
N ALA D 142 -14.58 -0.42 -7.20
CA ALA D 142 -14.38 0.18 -5.90
C ALA D 142 -15.32 1.34 -5.56
N HIS D 143 -16.03 1.89 -6.52
CA HIS D 143 -16.67 3.18 -6.20
C HIS D 143 -17.96 3.04 -5.35
N LYS D 144 -18.32 1.81 -4.99
CA LYS D 144 -19.43 1.60 -4.06
C LYS D 144 -18.95 1.52 -2.59
N TYR D 145 -17.70 1.88 -2.37
CA TYR D 145 -17.16 2.09 -1.02
C TYR D 145 -17.09 3.62 -0.79
N HIS D 146 -18.00 4.33 -1.47
CA HIS D 146 -18.17 5.78 -1.40
C HIS D 146 -19.59 6.17 -0.91
CHA HEM E . -5.14 -13.52 17.93
CHB HEM E . -1.51 -10.31 18.07
CHC HEM E . -3.19 -7.88 14.31
CHD HEM E . -6.95 -10.89 14.17
C1A HEM E . -4.01 -12.84 18.35
C2A HEM E . -3.22 -13.07 19.55
C3A HEM E . -2.24 -12.18 19.58
C4A HEM E . -2.36 -11.34 18.39
CMA HEM E . -1.14 -12.03 20.66
CAA HEM E . -3.53 -14.13 20.62
CBA HEM E . -3.09 -15.51 20.18
CGA HEM E . -3.42 -16.42 21.35
O1A HEM E . -4.56 -16.97 21.33
O2A HEM E . -2.57 -16.56 22.29
C1B HEM E . -1.66 -9.36 17.11
C2B HEM E . -0.80 -8.19 16.89
C3B HEM E . -1.30 -7.54 15.82
C4B HEM E . -2.46 -8.27 15.37
CMB HEM E . 0.44 -7.81 17.74
CAB HEM E . -0.87 -6.25 15.08
CBB HEM E . 0.17 -5.48 15.39
C1C HEM E . -4.36 -8.45 13.93
C2C HEM E . -5.24 -7.96 12.89
C3C HEM E . -6.28 -8.79 12.84
C4C HEM E . -6.10 -9.85 13.85
CMC HEM E . -4.98 -6.72 12.03
CAC HEM E . -7.48 -8.64 11.92
CBC HEM E . -8.27 -7.60 12.13
C1D HEM E . -6.81 -11.84 15.19
C2D HEM E . -7.80 -12.86 15.46
C3D HEM E . -7.27 -13.69 16.63
C4D HEM E . -5.99 -13.09 16.94
CMD HEM E . -9.13 -13.00 14.72
CAD HEM E . -7.94 -14.88 17.34
CBD HEM E . -9.06 -14.38 18.25
CGD HEM E . -9.57 -15.51 19.13
O1D HEM E . -10.28 -16.39 18.63
O2D HEM E . -9.28 -15.50 20.36
NA HEM E . -3.44 -11.79 17.66
NB HEM E . -2.65 -9.38 16.16
NC HEM E . -4.91 -9.59 14.50
ND HEM E . -5.75 -12.02 16.06
FE HEM E . -4.20 -10.71 16.09
O1 OXY F . -5.01 -9.46 17.58
O2 OXY F . -5.98 -9.51 16.85
CHA HEM G . -0.20 23.07 -2.53
CHB HEM G . -4.06 21.27 -0.18
CHC HEM G . -1.78 17.04 0.23
CHD HEM G . 2.06 18.77 -2.10
C1A HEM G . -1.42 22.97 -1.87
C2A HEM G . -2.34 24.05 -1.65
C3A HEM G . -3.40 23.55 -1.00
C4A HEM G . -3.19 22.13 -0.79
CMA HEM G . -4.63 24.35 -0.57
CAA HEM G . -2.11 25.51 -2.07
CBA HEM G . -2.69 25.76 -3.48
CGA HEM G . -2.78 27.27 -3.73
O1A HEM G . -1.98 27.79 -4.54
O2A HEM G . -3.66 27.96 -3.14
C1B HEM G . -3.85 19.94 0.08
C2B HEM G . -4.78 18.94 0.62
C3B HEM G . -4.11 17.79 0.74
C4B HEM G . -2.75 18.02 0.28
CMB HEM G . -6.27 19.19 0.99
CAB HEM G . -4.57 16.41 1.22
CBB HEM G . -5.37 16.30 2.28
C1C HEM G . -0.53 17.14 -0.29
C2C HEM G . 0.55 16.16 -0.19
C3C HEM G . 1.60 16.68 -0.82
C4C HEM G . 1.23 17.95 -1.37
CMC HEM G . 0.49 14.82 0.56
CAC HEM G . 2.99 16.08 -1.00
CBC HEM G . 3.20 14.81 -0.70
C1D HEM G . 1.84 20.09 -2.39
C2D HEM G . 2.82 20.95 -3.00
C3D HEM G . 2.13 22.30 -3.14
C4D HEM G . 0.79 22.09 -2.60
CMD HEM G . 4.27 20.65 -3.40
CAD HEM G . 2.80 23.56 -3.71
CBD HEM G . 3.22 24.35 -2.47
CGD HEM G . 4.04 25.59 -2.80
O1D HEM G . 5.15 25.46 -3.42
O2D HEM G . 3.58 26.70 -2.41
NA HEM G . -1.98 21.81 -1.34
NB HEM G . -2.63 19.33 -0.13
NC HEM G . -0.09 18.21 -1.01
ND HEM G . 0.66 20.78 -2.18
FE HEM G . -1.02 20.05 -1.18
O1 OXY H . -0.37 21.29 0.83
O2 OXY H . -0.11 20.16 0.53
O1 OXY I . 16.79 3.39 -11.06
O2 OXY I . 17.61 2.73 -10.48
CHA HEM J . 20.32 5.26 -9.24
CHB HEM J . 19.32 0.61 -8.33
CHC HEM J . 14.62 1.75 -8.00
CHD HEM J . 15.50 6.28 -9.21
C1A HEM J . 20.47 3.91 -9.03
C2A HEM J . 21.73 3.18 -9.07
C3A HEM J . 21.44 1.87 -8.83
C4A HEM J . 20.01 1.76 -8.62
CMA HEM J . 22.41 0.69 -8.77
CAA HEM J . 23.09 3.84 -9.40
CBA HEM J . 24.28 3.54 -8.49
CGA HEM J . 25.47 4.44 -8.88
O1A HEM J . 25.73 4.67 -10.11
O2A HEM J . 26.13 4.98 -7.97
C1B HEM J . 17.96 0.51 -8.16
C2B HEM J . 17.23 -0.71 -7.87
C3B HEM J . 15.94 -0.36 -7.78
C4B HEM J . 15.81 1.05 -8.00
CMB HEM J . 17.83 -2.10 -7.68
CAB HEM J . 14.76 -1.31 -7.50
CBB HEM J . 15.13 -2.54 -7.15
C1C HEM J . 14.40 3.04 -8.38
C2C HEM J . 13.13 3.68 -8.65
C3C HEM J . 13.40 4.95 -9.00
C4C HEM J . 14.82 5.14 -8.94
CMC HEM J . 11.73 3.04 -8.58
CAC HEM J . 12.37 6.03 -9.37
CBC HEM J . 11.48 5.81 -10.36
C1D HEM J . 16.88 6.45 -9.34
C2D HEM J . 17.55 7.67 -9.77
C3D HEM J . 19.03 7.36 -9.79
C4D HEM J . 19.13 5.99 -9.38
CMD HEM J . 16.89 9.03 -10.15
CAD HEM J . 20.17 8.33 -10.18
CBD HEM J . 20.72 7.92 -11.55
CGD HEM J . 21.69 8.96 -12.08
O1D HEM J . 21.39 10.17 -11.90
O2D HEM J . 22.74 8.59 -12.71
NA HEM J . 19.45 3.00 -8.76
NB HEM J . 17.06 1.55 -8.22
NC HEM J . 15.40 3.95 -8.57
ND HEM J . 17.84 5.49 -9.14
FE HEM J . 17.40 3.45 -8.69
O1 OXY K . -13.81 -13.13 -7.77
O2 OXY K . -13.15 -12.75 -8.70
CHA HEM L . -17.56 -13.20 -7.12
CHB HEM L . -15.71 -10.69 -10.86
CHC HEM L . -11.98 -9.47 -8.08
CHD HEM L . -13.62 -12.31 -4.51
C1A HEM L . -17.31 -12.69 -8.38
C2A HEM L . -18.08 -13.08 -9.55
C3A HEM L . -17.57 -12.39 -10.60
C4A HEM L . -16.47 -11.56 -10.10
CMA HEM L . -18.05 -12.46 -12.07
CAA HEM L . -19.21 -14.14 -9.53
CBA HEM L . -20.64 -13.62 -9.50
CGA HEM L . -21.47 -14.65 -10.28
O1A HEM L . -20.90 -15.70 -10.75
O2A HEM L . -22.70 -14.42 -10.45
C1B HEM L . -14.53 -10.10 -10.48
C2B HEM L . -13.66 -9.24 -11.28
C3B HEM L . -12.62 -8.89 -10.50
C4B HEM L . -12.81 -9.53 -9.19
CMB HEM L . -13.89 -8.80 -12.74
CAB HEM L . -11.45 -8.01 -10.98
CBB HEM L . -10.65 -7.30 -10.18
C1C HEM L . -12.08 -10.18 -6.89
C2C HEM L . -11.07 -10.25 -5.86
C3C HEM L . -11.54 -11.04 -4.89
C4C HEM L . -12.85 -11.48 -5.26
CMC HEM L . -9.72 -9.51 -5.95
CAC HEM L . -10.90 -11.44 -3.56
CBC HEM L . -9.59 -11.70 -3.50
C1D HEM L . -14.77 -12.89 -4.91
C2D HEM L . -15.46 -13.96 -4.21
C3D HEM L . -16.70 -14.24 -5.05
C4D HEM L . -16.64 -13.29 -6.13
CMD HEM L . -15.06 -14.74 -2.95
CAD HEM L . -17.76 -15.32 -4.75
CBD HEM L . -17.61 -16.46 -5.74
CGD HEM L . -18.44 -17.66 -5.28
O1D HEM L . -18.27 -18.08 -4.10
O2D HEM L . -19.25 -18.16 -6.10
NA HEM L . -16.36 -11.75 -8.74
NB HEM L . -14.00 -10.23 -9.20
NC HEM L . -13.17 -10.95 -6.48
ND HEM L . -15.50 -12.50 -6.01
FE HEM L . -14.76 -11.33 -7.58
#